data_4PSJ
#
_entry.id   4PSJ
#
_cell.length_a   31.916
_cell.length_b   51.455
_cell.length_c   69.005
_cell.angle_alpha   90.000
_cell.angle_beta   90.980
_cell.angle_gamma   90.000
#
_symmetry.space_group_name_H-M   'P 1 21 1'
#
loop_
_entity.id
_entity.type
_entity.pdbx_description
1 polymer OR464
2 water water
#
_entity_poly.entity_id   1
_entity_poly.type   'polypeptide(L)'
_entity_poly.pdbx_seq_one_letter_code
;MGHHHHHHTITVSTPIKQIFPDDAFAETIKANLKKKSVTDAVTQNELNSIDQINANNSDIKSVQGIQYLPNVRQLNLGGN
KLHDISALKELTNLGWLNLSSNKIEKLPQGLFESLTTLTQLNLSNNQITSLPQGLFESLASLTQLNLSNNQITSLPQGLF
ESLTNLTQLNLSNNQITSLPQGLFESLTNLTQLNLSNNQITSLPQGLFESLTSLTQLNLSNNQITSLPQGLFESLTNLKQ
LNLSGNQIQSLPQGLHESLTQLTGSHHHHHH
;
_entity_poly.pdbx_strand_id   A
#
# COMPACT_ATOMS: atom_id res chain seq x y z
N THR A 9 24.68 3.26 12.35
CA THR A 9 26.14 3.33 12.34
C THR A 9 26.79 2.55 13.49
N ILE A 10 27.41 1.41 13.16
CA ILE A 10 28.35 0.78 14.07
C ILE A 10 29.73 1.36 13.82
N THR A 11 30.63 1.21 14.77
CA THR A 11 31.97 1.77 14.64
C THR A 11 33.06 0.74 14.93
N VAL A 12 32.63 -0.47 15.29
CA VAL A 12 33.53 -1.63 15.38
C VAL A 12 32.88 -2.82 14.67
N SER A 13 33.69 -3.77 14.21
CA SER A 13 33.14 -4.97 13.56
C SER A 13 32.30 -5.76 14.58
N THR A 14 31.06 -6.05 14.20
CA THR A 14 30.07 -6.54 15.16
C THR A 14 29.28 -7.73 14.59
N PRO A 15 29.12 -8.80 15.39
CA PRO A 15 28.38 -10.00 14.95
C PRO A 15 26.98 -9.66 14.48
N ILE A 16 26.57 -10.30 13.38
CA ILE A 16 25.23 -10.13 12.82
C ILE A 16 24.12 -10.43 13.83
N LYS A 17 24.36 -11.44 14.67
CA LYS A 17 23.39 -11.85 15.70
C LYS A 17 23.01 -10.72 16.65
N GLN A 18 23.96 -9.84 16.93
CA GLN A 18 23.77 -8.82 17.96
C GLN A 18 23.24 -7.49 17.42
N ILE A 19 23.27 -7.32 16.10
CA ILE A 19 22.67 -6.15 15.45
C ILE A 19 21.24 -6.47 15.08
N PHE A 20 21.04 -7.70 14.62
CA PHE A 20 19.74 -8.20 14.23
C PHE A 20 19.38 -9.39 15.12
N PRO A 21 18.75 -9.11 16.27
CA PRO A 21 18.42 -10.13 17.27
C PRO A 21 17.44 -11.20 16.76
N ASP A 22 16.68 -10.90 15.71
CA ASP A 22 15.78 -11.89 15.12
C ASP A 22 16.59 -12.94 14.36
N ASP A 23 16.49 -14.20 14.80
CA ASP A 23 17.27 -15.28 14.19
C ASP A 23 16.96 -15.48 12.72
N ALA A 24 15.71 -15.27 12.34
CA ALA A 24 15.34 -15.41 10.94
C ALA A 24 15.93 -14.25 10.13
N PHE A 25 15.85 -13.05 10.69
CA PHE A 25 16.37 -11.85 10.02
C PHE A 25 17.90 -11.79 10.01
N ALA A 26 18.53 -12.29 11.08
CA ALA A 26 19.99 -12.35 11.11
C ALA A 26 20.49 -13.27 10.01
N GLU A 27 19.79 -14.39 9.84
CA GLU A 27 20.09 -15.34 8.77
C GLU A 27 19.91 -14.66 7.42
N THR A 28 18.87 -13.84 7.32
CA THR A 28 18.60 -13.09 6.10
C THR A 28 19.79 -12.21 5.73
N ILE A 29 20.27 -11.43 6.70
CA ILE A 29 21.44 -10.58 6.49
C ILE A 29 22.68 -11.38 6.09
N LYS A 30 22.88 -12.51 6.77
CA LYS A 30 24.04 -13.37 6.52
C LYS A 30 24.10 -13.82 5.06
N ALA A 31 23.03 -14.44 4.59
CA ALA A 31 22.93 -14.90 3.21
C ALA A 31 23.10 -13.73 2.24
N ASN A 32 22.53 -12.59 2.62
CA ASN A 32 22.63 -11.39 1.82
C ASN A 32 24.09 -10.93 1.67
N LEU A 33 24.81 -10.84 2.79
CA LEU A 33 26.20 -10.38 2.78
C LEU A 33 27.22 -11.47 2.42
N LYS A 34 26.74 -12.62 1.97
CA LYS A 34 27.61 -13.75 1.63
C LYS A 34 28.55 -14.12 2.78
N LYS A 35 27.96 -14.46 3.92
CA LYS A 35 28.72 -14.79 5.12
C LYS A 35 28.54 -16.26 5.47
N LYS A 36 29.46 -16.79 6.27
CA LYS A 36 29.40 -18.20 6.68
C LYS A 36 28.47 -18.43 7.85
N SER A 37 28.33 -17.44 8.73
CA SER A 37 27.59 -17.58 9.97
C SER A 37 26.97 -16.26 10.43
N VAL A 38 25.94 -16.34 11.28
CA VAL A 38 25.34 -15.15 11.88
C VAL A 38 26.18 -14.64 13.05
N THR A 39 27.15 -15.45 13.48
CA THR A 39 28.08 -15.03 14.51
C THR A 39 29.27 -14.28 13.90
N ASP A 40 29.38 -14.31 12.56
CA ASP A 40 30.42 -13.55 11.88
C ASP A 40 30.16 -12.06 12.05
N ALA A 41 31.22 -11.29 12.23
CA ALA A 41 31.07 -9.84 12.36
C ALA A 41 30.84 -9.20 11.00
N VAL A 42 30.39 -7.95 11.01
CA VAL A 42 30.23 -7.17 9.78
C VAL A 42 30.68 -5.73 10.01
N THR A 43 31.08 -5.07 8.92
CA THR A 43 31.48 -3.67 8.99
C THR A 43 30.29 -2.80 8.61
N GLN A 44 30.36 -1.51 8.91
CA GLN A 44 29.31 -0.59 8.49
C GLN A 44 29.33 -0.47 6.97
N ASN A 45 30.53 -0.53 6.40
CA ASN A 45 30.70 -0.54 4.95
C ASN A 45 30.01 -1.73 4.31
N GLU A 46 30.02 -2.86 5.00
CA GLU A 46 29.27 -4.02 4.53
C GLU A 46 27.77 -3.82 4.70
N LEU A 47 27.36 -3.16 5.77
CA LEU A 47 25.94 -2.84 5.96
C LEU A 47 25.47 -1.82 4.92
N ASN A 48 26.32 -0.84 4.60
CA ASN A 48 26.01 0.13 3.55
C ASN A 48 25.87 -0.52 2.17
N SER A 49 26.46 -1.70 2.01
CA SER A 49 26.44 -2.38 0.72
CA SER A 49 26.43 -2.37 0.71
C SER A 49 25.05 -2.92 0.37
N ILE A 50 24.19 -3.06 1.37
CA ILE A 50 22.88 -3.64 1.11
C ILE A 50 21.89 -2.69 0.47
N ASP A 51 21.54 -2.99 -0.77
CA ASP A 51 20.55 -2.23 -1.53
C ASP A 51 19.16 -2.86 -1.51
N GLN A 52 19.11 -4.18 -1.35
CA GLN A 52 17.82 -4.87 -1.38
C GLN A 52 17.81 -6.13 -0.51
N ILE A 53 16.66 -6.34 0.15
CA ILE A 53 16.43 -7.52 0.95
C ILE A 53 15.17 -8.21 0.47
N ASN A 54 15.28 -9.50 0.13
CA ASN A 54 14.13 -10.27 -0.29
C ASN A 54 13.93 -11.43 0.67
N ALA A 55 12.95 -11.28 1.56
CA ALA A 55 12.80 -12.20 2.69
C ALA A 55 11.34 -12.58 2.92
N ASN A 56 10.60 -12.79 1.84
CA ASN A 56 9.21 -13.22 1.95
C ASN A 56 9.12 -14.55 2.69
N ASN A 57 8.05 -14.72 3.47
CA ASN A 57 7.76 -15.97 4.15
C ASN A 57 8.97 -16.59 4.86
N SER A 58 9.64 -15.82 5.71
CA SER A 58 10.81 -16.33 6.42
C SER A 58 10.64 -16.29 7.94
N ASP A 59 9.39 -16.20 8.40
CA ASP A 59 9.08 -16.13 9.83
C ASP A 59 9.87 -15.08 10.59
N ILE A 60 9.96 -13.89 10.01
CA ILE A 60 10.61 -12.78 10.66
C ILE A 60 9.61 -12.07 11.61
N LYS A 61 9.97 -11.97 12.89
CA LYS A 61 9.13 -11.30 13.87
C LYS A 61 9.56 -9.87 14.17
N SER A 62 10.82 -9.56 13.85
CA SER A 62 11.39 -8.24 14.11
C SER A 62 12.50 -7.89 13.14
N VAL A 63 12.49 -6.66 12.64
CA VAL A 63 13.57 -6.17 11.78
C VAL A 63 14.44 -5.16 12.53
N GLN A 64 14.54 -5.34 13.85
CA GLN A 64 15.49 -4.54 14.62
C GLN A 64 16.88 -4.76 14.04
N GLY A 65 17.57 -3.66 13.76
CA GLY A 65 18.87 -3.71 13.12
C GLY A 65 18.80 -3.13 11.72
N ILE A 66 17.61 -3.18 11.10
CA ILE A 66 17.47 -2.64 9.75
C ILE A 66 17.81 -1.15 9.69
N GLN A 67 17.73 -0.46 10.83
CA GLN A 67 18.06 0.97 10.89
C GLN A 67 19.49 1.27 10.47
N TYR A 68 20.34 0.23 10.46
CA TYR A 68 21.76 0.38 10.17
C TYR A 68 22.07 0.14 8.69
N LEU A 69 21.02 0.12 7.88
CA LEU A 69 21.13 -0.14 6.44
C LEU A 69 20.63 1.07 5.65
N PRO A 70 21.44 2.14 5.55
CA PRO A 70 20.93 3.39 5.01
C PRO A 70 20.56 3.30 3.53
N ASN A 71 21.13 2.33 2.81
CA ASN A 71 20.95 2.29 1.36
C ASN A 71 19.88 1.32 0.81
N VAL A 72 19.09 0.68 1.67
CA VAL A 72 18.05 -0.21 1.16
C VAL A 72 17.01 0.57 0.35
N ARG A 73 16.82 0.17 -0.89
CA ARG A 73 15.78 0.77 -1.72
C ARG A 73 14.66 -0.20 -2.03
N GLN A 74 14.91 -1.48 -1.80
CA GLN A 74 13.90 -2.50 -2.10
C GLN A 74 13.78 -3.49 -0.96
N LEU A 75 12.55 -3.66 -0.48
CA LEU A 75 12.31 -4.43 0.74
C LEU A 75 11.07 -5.31 0.59
N ASN A 76 11.28 -6.60 0.36
CA ASN A 76 10.20 -7.59 0.27
C ASN A 76 10.12 -8.31 1.60
N LEU A 77 9.12 -7.98 2.42
CA LEU A 77 8.95 -8.61 3.74
C LEU A 77 7.56 -9.24 3.85
N GLY A 78 6.98 -9.62 2.72
CA GLY A 78 5.64 -10.16 2.70
C GLY A 78 5.56 -11.54 3.32
N GLY A 79 4.46 -11.81 4.02
CA GLY A 79 4.24 -13.13 4.59
C GLY A 79 5.04 -13.45 5.84
N ASN A 80 5.53 -12.43 6.54
CA ASN A 80 6.22 -12.68 7.81
C ASN A 80 5.29 -12.42 8.99
N LYS A 81 5.87 -12.07 10.15
CA LYS A 81 5.08 -11.91 11.37
C LYS A 81 5.32 -10.55 12.03
N LEU A 82 5.59 -9.53 11.22
CA LEU A 82 5.94 -8.22 11.74
C LEU A 82 4.77 -7.51 12.42
N HIS A 83 5.02 -7.00 13.62
CA HIS A 83 4.04 -6.27 14.41
C HIS A 83 4.46 -4.81 14.48
N ASP A 84 5.76 -4.59 14.68
CA ASP A 84 6.32 -3.24 14.82
C ASP A 84 7.24 -2.93 13.65
N ILE A 85 6.96 -1.84 12.93
CA ILE A 85 7.80 -1.46 11.80
C ILE A 85 8.42 -0.09 12.00
N SER A 86 8.51 0.33 13.26
CA SER A 86 9.08 1.63 13.59
C SER A 86 10.54 1.76 13.15
N ALA A 87 11.26 0.65 13.08
CA ALA A 87 12.65 0.65 12.62
C ALA A 87 12.77 1.14 11.18
N LEU A 88 11.67 1.16 10.44
CA LEU A 88 11.73 1.59 9.03
C LEU A 88 11.82 3.12 8.87
N LYS A 89 11.54 3.82 9.95
CA LYS A 89 11.31 5.27 9.91
C LYS A 89 12.40 6.10 9.23
N GLU A 90 13.67 5.75 9.42
CA GLU A 90 14.72 6.55 8.82
C GLU A 90 15.40 5.89 7.62
N LEU A 91 14.72 4.94 7.01
CA LEU A 91 15.24 4.32 5.79
C LEU A 91 14.92 5.23 4.61
N THR A 92 15.65 6.36 4.50
CA THR A 92 15.29 7.43 3.57
C THR A 92 15.33 7.04 2.09
N ASN A 93 15.99 5.94 1.74
CA ASN A 93 16.14 5.61 0.31
C ASN A 93 15.19 4.53 -0.17
N LEU A 94 14.26 4.15 0.69
CA LEU A 94 13.28 3.11 0.36
C LEU A 94 12.47 3.46 -0.89
N GLY A 95 12.42 2.54 -1.85
CA GLY A 95 11.66 2.70 -3.08
C GLY A 95 10.43 1.79 -3.14
N TRP A 96 10.66 0.49 -2.92
CA TRP A 96 9.57 -0.48 -2.89
C TRP A 96 9.50 -1.12 -1.50
N LEU A 97 8.32 -1.09 -0.90
CA LEU A 97 8.13 -1.69 0.41
C LEU A 97 6.94 -2.65 0.40
N ASN A 98 7.21 -3.94 0.55
CA ASN A 98 6.15 -4.93 0.62
C ASN A 98 6.04 -5.47 2.03
N LEU A 99 4.99 -5.05 2.73
CA LEU A 99 4.74 -5.52 4.08
C LEU A 99 3.45 -6.32 4.13
N SER A 100 3.09 -6.91 2.99
CA SER A 100 1.85 -7.67 2.89
C SER A 100 1.86 -8.88 3.80
N SER A 101 0.68 -9.26 4.28
CA SER A 101 0.50 -10.48 5.06
C SER A 101 1.41 -10.56 6.29
N ASN A 102 1.49 -9.47 7.05
CA ASN A 102 2.17 -9.52 8.34
C ASN A 102 1.15 -9.42 9.47
N LYS A 103 1.57 -8.87 10.62
CA LYS A 103 0.67 -8.75 11.77
C LYS A 103 0.50 -7.29 12.19
N ILE A 104 0.50 -6.40 11.21
CA ILE A 104 0.40 -4.98 11.48
C ILE A 104 -1.05 -4.58 11.77
N GLU A 105 -1.30 -4.03 12.98
CA GLU A 105 -2.64 -3.63 13.39
C GLU A 105 -2.86 -2.12 13.31
N LYS A 106 -1.80 -1.34 13.45
CA LYS A 106 -1.91 0.12 13.37
C LYS A 106 -0.61 0.76 12.87
N LEU A 107 -0.71 1.94 12.28
CA LEU A 107 0.49 2.62 11.79
C LEU A 107 0.70 3.93 12.55
N PRO A 108 1.87 4.07 13.21
CA PRO A 108 2.14 5.30 13.98
C PRO A 108 2.07 6.50 13.03
N GLN A 109 1.51 7.61 13.50
CA GLN A 109 1.51 8.80 12.65
C GLN A 109 2.94 9.35 12.54
N GLY A 110 3.35 9.63 11.32
CA GLY A 110 4.71 10.12 11.10
C GLY A 110 5.69 9.02 10.72
N LEU A 111 5.20 7.78 10.66
CA LEU A 111 6.06 6.66 10.25
C LEU A 111 6.70 6.94 8.89
N PHE A 112 5.92 7.50 7.98
CA PHE A 112 6.39 7.67 6.60
C PHE A 112 6.94 9.06 6.27
N GLU A 113 7.12 9.89 7.30
CA GLU A 113 7.57 11.27 7.12
C GLU A 113 8.85 11.45 6.30
N SER A 114 9.85 10.59 6.52
CA SER A 114 11.13 10.75 5.85
C SER A 114 11.28 9.92 4.57
N LEU A 115 10.28 9.11 4.23
CA LEU A 115 10.42 8.19 3.09
C LEU A 115 9.98 8.85 1.78
N THR A 116 10.65 9.93 1.43
CA THR A 116 10.26 10.77 0.28
C THR A 116 10.53 10.18 -1.11
N THR A 117 11.26 9.05 -1.18
N THR A 117 11.26 9.07 -1.18
CA THR A 117 11.56 8.39 -2.45
CA THR A 117 11.51 8.43 -2.48
C THR A 117 10.71 7.14 -2.69
C THR A 117 10.76 7.10 -2.65
N LEU A 118 9.85 6.81 -1.73
CA LEU A 118 9.01 5.60 -1.81
C LEU A 118 8.06 5.69 -2.97
N THR A 119 8.01 4.66 -3.82
CA THR A 119 7.10 4.67 -4.96
C THR A 119 6.04 3.57 -4.86
N GLN A 120 6.35 2.49 -4.16
CA GLN A 120 5.41 1.37 -4.02
C GLN A 120 5.27 0.90 -2.57
N LEU A 121 4.03 0.86 -2.10
CA LEU A 121 3.74 0.51 -0.71
C LEU A 121 2.64 -0.55 -0.69
N ASN A 122 2.98 -1.73 -0.19
CA ASN A 122 2.00 -2.80 -0.09
C ASN A 122 1.80 -3.16 1.38
N LEU A 123 0.60 -2.87 1.89
CA LEU A 123 0.24 -3.14 3.27
C LEU A 123 -0.94 -4.08 3.33
N SER A 124 -1.15 -4.81 2.23
CA SER A 124 -2.32 -5.68 2.09
C SER A 124 -2.32 -6.85 3.07
N ASN A 125 -3.52 -7.27 3.43
CA ASN A 125 -3.74 -8.48 4.22
C ASN A 125 -3.04 -8.47 5.57
N ASN A 126 -3.05 -7.29 6.21
CA ASN A 126 -2.65 -7.13 7.60
C ASN A 126 -3.90 -7.04 8.45
N GLN A 127 -3.85 -6.36 9.61
CA GLN A 127 -5.02 -6.23 10.50
C GLN A 127 -5.44 -4.79 10.72
N ILE A 128 -5.10 -3.93 9.77
CA ILE A 128 -5.31 -2.50 9.92
C ILE A 128 -6.81 -2.13 9.94
N THR A 129 -7.21 -1.36 10.94
N THR A 129 -7.22 -1.39 10.96
CA THR A 129 -8.59 -0.97 11.08
CA THR A 129 -8.63 -0.98 11.06
C THR A 129 -8.84 0.50 10.76
C THR A 129 -8.85 0.52 10.80
N SER A 130 -7.77 1.29 10.70
CA SER A 130 -7.88 2.76 10.49
C SER A 130 -6.52 3.31 10.07
N LEU A 131 -6.54 4.45 9.38
CA LEU A 131 -5.30 5.13 9.00
C LEU A 131 -5.29 6.56 9.51
N PRO A 132 -4.22 6.96 10.20
CA PRO A 132 -4.17 8.35 10.66
C PRO A 132 -4.27 9.29 9.47
N GLN A 133 -5.00 10.38 9.63
CA GLN A 133 -5.05 11.40 8.61
C GLN A 133 -3.65 11.97 8.49
N GLY A 134 -3.18 12.11 7.27
CA GLY A 134 -1.84 12.65 7.07
C GLY A 134 -0.73 11.60 7.18
N LEU A 135 -1.10 10.32 7.27
CA LEU A 135 -0.10 9.23 7.27
C LEU A 135 0.76 9.24 5.99
N PHE A 136 0.14 9.64 4.87
CA PHE A 136 0.80 9.54 3.57
C PHE A 136 1.16 10.92 3.02
N GLU A 137 1.20 11.93 3.89
CA GLU A 137 1.37 13.33 3.50
C GLU A 137 2.67 13.59 2.77
N SER A 138 3.73 12.90 3.16
CA SER A 138 5.04 13.14 2.58
C SER A 138 5.39 12.27 1.37
N LEU A 139 4.50 11.37 0.98
CA LEU A 139 4.81 10.39 -0.06
C LEU A 139 4.49 10.89 -1.47
N ALA A 140 5.07 12.02 -1.82
CA ALA A 140 4.85 12.67 -3.10
C ALA A 140 5.11 11.75 -4.30
N SER A 141 6.05 10.82 -4.15
CA SER A 141 6.44 9.96 -5.27
C SER A 141 5.69 8.64 -5.39
N LEU A 142 4.76 8.36 -4.48
CA LEU A 142 4.08 7.05 -4.50
C LEU A 142 3.30 6.85 -5.79
N THR A 143 3.49 5.71 -6.43
CA THR A 143 2.72 5.41 -7.63
C THR A 143 1.74 4.26 -7.40
N GLN A 144 2.04 3.41 -6.42
CA GLN A 144 1.25 2.22 -6.13
C GLN A 144 0.99 2.08 -4.62
N LEU A 145 -0.28 1.93 -4.26
CA LEU A 145 -0.68 1.79 -2.87
C LEU A 145 -1.70 0.66 -2.74
N ASN A 146 -1.35 -0.36 -1.94
CA ASN A 146 -2.23 -1.50 -1.72
C ASN A 146 -2.60 -1.65 -0.24
N LEU A 147 -3.87 -1.36 0.07
CA LEU A 147 -4.41 -1.46 1.41
C LEU A 147 -5.51 -2.55 1.48
N SER A 148 -5.52 -3.44 0.51
CA SER A 148 -6.58 -4.44 0.43
C SER A 148 -6.52 -5.51 1.52
N ASN A 149 -7.65 -6.19 1.74
CA ASN A 149 -7.69 -7.31 2.68
C ASN A 149 -7.29 -6.92 4.12
N ASN A 150 -7.67 -5.74 4.57
CA ASN A 150 -7.54 -5.37 5.98
C ASN A 150 -8.89 -5.32 6.71
N GLN A 151 -9.06 -4.40 7.66
CA GLN A 151 -10.33 -4.29 8.39
C GLN A 151 -10.87 -2.89 8.35
N ILE A 152 -10.62 -2.16 7.27
CA ILE A 152 -10.86 -0.72 7.29
C ILE A 152 -12.34 -0.44 7.11
N THR A 153 -12.87 0.50 7.89
CA THR A 153 -14.29 0.81 7.84
C THR A 153 -14.56 2.19 7.26
N SER A 154 -13.51 3.00 7.14
CA SER A 154 -13.67 4.39 6.76
C SER A 154 -12.33 4.98 6.34
N LEU A 155 -12.38 5.93 5.40
CA LEU A 155 -11.18 6.63 4.97
C LEU A 155 -11.36 8.12 5.19
N PRO A 156 -10.43 8.75 5.92
CA PRO A 156 -10.57 10.18 6.16
C PRO A 156 -10.42 10.93 4.82
N GLN A 157 -11.28 11.92 4.56
CA GLN A 157 -11.06 12.82 3.45
C GLN A 157 -9.68 13.39 3.71
N GLY A 158 -8.85 13.47 2.69
CA GLY A 158 -7.54 14.06 2.85
C GLY A 158 -6.46 12.99 2.83
N LEU A 159 -6.85 11.73 3.07
CA LEU A 159 -5.87 10.64 3.18
C LEU A 159 -4.97 10.50 1.96
N PHE A 160 -5.52 10.75 0.78
CA PHE A 160 -4.75 10.59 -0.46
C PHE A 160 -4.33 11.93 -1.10
N GLU A 161 -4.47 13.03 -0.37
CA GLU A 161 -4.40 14.33 -1.02
C GLU A 161 -3.02 14.70 -1.56
N SER A 162 -1.95 14.16 -0.98
CA SER A 162 -0.60 14.42 -1.46
C SER A 162 -0.13 13.45 -2.54
N LEU A 163 -0.93 12.42 -2.85
CA LEU A 163 -0.46 11.35 -3.71
C LEU A 163 -0.75 11.63 -5.17
N THR A 164 -0.33 12.80 -5.64
CA THR A 164 -0.70 13.26 -6.97
C THR A 164 -0.14 12.37 -8.08
N ASN A 165 0.91 11.61 -7.76
CA ASN A 165 1.53 10.72 -8.75
C ASN A 165 1.03 9.26 -8.72
N LEU A 166 0.05 8.98 -7.87
CA LEU A 166 -0.47 7.62 -7.74
C LEU A 166 -1.07 7.11 -9.04
N THR A 167 -0.74 5.87 -9.41
CA THR A 167 -1.33 5.27 -10.61
C THR A 167 -2.26 4.10 -10.27
N GLN A 168 -1.95 3.39 -9.19
CA GLN A 168 -2.77 2.25 -8.77
C GLN A 168 -3.19 2.35 -7.30
N LEU A 169 -4.47 2.10 -7.02
CA LEU A 169 -4.98 2.18 -5.66
C LEU A 169 -5.94 1.02 -5.42
N ASN A 170 -5.55 0.13 -4.51
CA ASN A 170 -6.34 -1.06 -4.19
C ASN A 170 -6.88 -0.94 -2.75
N LEU A 171 -8.19 -0.76 -2.61
CA LEU A 171 -8.80 -0.70 -1.30
C LEU A 171 -9.79 -1.86 -1.16
N SER A 172 -9.63 -2.89 -1.99
CA SER A 172 -10.63 -3.95 -2.04
C SER A 172 -10.59 -4.88 -0.80
N ASN A 173 -11.68 -5.60 -0.57
CA ASN A 173 -11.78 -6.55 0.55
C ASN A 173 -11.50 -5.92 1.91
N ASN A 174 -12.15 -4.79 2.20
CA ASN A 174 -12.15 -4.21 3.52
C ASN A 174 -13.61 -4.20 3.97
N GLN A 175 -13.99 -3.32 4.90
CA GLN A 175 -15.39 -3.21 5.32
CA GLN A 175 -15.41 -3.21 5.29
C GLN A 175 -15.90 -1.78 5.24
N ILE A 176 -15.54 -1.09 4.17
CA ILE A 176 -15.87 0.33 4.00
C ILE A 176 -17.34 0.48 3.62
N THR A 177 -18.03 1.36 4.31
CA THR A 177 -19.47 1.54 4.09
C THR A 177 -19.80 2.81 3.32
N SER A 178 -18.86 3.76 3.28
CA SER A 178 -19.07 5.03 2.58
C SER A 178 -17.74 5.64 2.07
N LEU A 179 -17.84 6.64 1.20
CA LEU A 179 -16.66 7.34 0.67
C LEU A 179 -16.87 8.85 0.60
N PRO A 180 -15.97 9.62 1.24
CA PRO A 180 -16.09 11.09 1.18
C PRO A 180 -15.99 11.59 -0.27
N GLN A 181 -16.83 12.54 -0.64
CA GLN A 181 -16.93 13.00 -2.03
C GLN A 181 -15.60 13.45 -2.68
N GLY A 182 -14.75 14.09 -1.90
CA GLY A 182 -13.48 14.59 -2.42
C GLY A 182 -12.28 13.66 -2.21
N LEU A 183 -12.54 12.41 -1.86
CA LEU A 183 -11.48 11.46 -1.49
C LEU A 183 -10.41 11.26 -2.55
N PHE A 184 -10.82 11.25 -3.82
CA PHE A 184 -9.89 10.96 -4.94
C PHE A 184 -9.50 12.20 -5.73
N GLU A 185 -9.87 13.37 -5.20
CA GLU A 185 -9.75 14.64 -5.88
C GLU A 185 -8.36 14.92 -6.51
N SER A 186 -7.30 14.53 -5.82
CA SER A 186 -5.94 14.80 -6.29
C SER A 186 -5.33 13.80 -7.30
N LEU A 187 -5.99 12.66 -7.52
CA LEU A 187 -5.33 11.53 -8.21
C LEU A 187 -5.54 11.57 -9.72
N THR A 188 -5.03 12.63 -10.34
CA THR A 188 -5.30 12.92 -11.73
C THR A 188 -4.56 11.96 -12.64
N ASN A 189 -3.63 11.20 -12.07
CA ASN A 189 -2.87 10.21 -12.83
C ASN A 189 -3.29 8.78 -12.51
N LEU A 190 -4.32 8.62 -11.69
CA LEU A 190 -4.76 7.28 -11.27
C LEU A 190 -5.29 6.51 -12.47
N THR A 191 -4.81 5.28 -12.67
CA THR A 191 -5.31 4.49 -13.79
C THR A 191 -6.17 3.31 -13.31
N GLN A 192 -5.86 2.81 -12.12
CA GLN A 192 -6.55 1.65 -11.59
C GLN A 192 -7.05 1.92 -10.17
N LEU A 193 -8.35 1.70 -9.96
CA LEU A 193 -8.98 1.91 -8.65
C LEU A 193 -9.84 0.70 -8.36
N ASN A 194 -9.44 -0.07 -7.36
CA ASN A 194 -10.19 -1.26 -6.97
C ASN A 194 -10.90 -1.01 -5.65
N LEU A 195 -12.23 -0.95 -5.70
CA LEU A 195 -13.03 -0.75 -4.48
C LEU A 195 -13.91 -1.96 -4.17
N SER A 196 -13.64 -3.09 -4.82
CA SER A 196 -14.56 -4.22 -4.75
C SER A 196 -14.58 -4.90 -3.38
N ASN A 197 -15.64 -5.68 -3.11
CA ASN A 197 -15.75 -6.43 -1.87
C ASN A 197 -15.65 -5.57 -0.59
N ASN A 198 -16.40 -4.47 -0.56
CA ASN A 198 -16.57 -3.67 0.64
C ASN A 198 -18.05 -3.66 0.96
N GLN A 199 -18.52 -2.72 1.78
CA GLN A 199 -19.93 -2.66 2.13
C GLN A 199 -20.57 -1.34 1.72
N ILE A 200 -20.06 -0.76 0.65
CA ILE A 200 -20.48 0.57 0.21
C ILE A 200 -21.92 0.54 -0.30
N THR A 201 -22.75 1.41 0.25
CA THR A 201 -24.17 1.43 -0.11
C THR A 201 -24.51 2.47 -1.17
N SER A 202 -23.68 3.51 -1.32
CA SER A 202 -23.92 4.54 -2.35
C SER A 202 -22.67 5.34 -2.71
N LEU A 203 -22.72 5.98 -3.88
CA LEU A 203 -21.60 6.76 -4.38
C LEU A 203 -22.05 8.20 -4.62
N PRO A 204 -21.40 9.17 -3.97
CA PRO A 204 -21.79 10.57 -4.10
C PRO A 204 -21.43 11.10 -5.48
N GLN A 205 -22.30 11.93 -6.06
CA GLN A 205 -22.01 12.52 -7.35
C GLN A 205 -20.69 13.26 -7.26
N GLY A 206 -19.85 13.09 -8.27
CA GLY A 206 -18.61 13.84 -8.33
C GLY A 206 -17.45 13.08 -7.76
N LEU A 207 -17.70 11.89 -7.21
CA LEU A 207 -16.59 11.11 -6.64
C LEU A 207 -15.49 10.82 -7.67
N PHE A 208 -15.85 10.69 -8.94
CA PHE A 208 -14.89 10.31 -10.00
C PHE A 208 -14.55 11.46 -10.97
N GLU A 209 -14.92 12.67 -10.59
CA GLU A 209 -14.81 13.83 -11.44
C GLU A 209 -13.38 14.15 -11.88
N SER A 210 -12.41 13.92 -11.01
CA SER A 210 -11.02 14.31 -11.29
C SER A 210 -10.22 13.23 -11.99
N LEU A 211 -10.79 12.04 -12.09
CA LEU A 211 -10.01 10.86 -12.50
C LEU A 211 -10.01 10.66 -14.01
N THR A 212 -9.58 11.67 -14.76
CA THR A 212 -9.68 11.59 -16.22
C THR A 212 -8.70 10.58 -16.79
N SER A 213 -7.74 10.12 -15.98
CA SER A 213 -6.77 9.15 -16.47
C SER A 213 -7.19 7.70 -16.19
N LEU A 214 -8.32 7.52 -15.49
CA LEU A 214 -8.72 6.19 -15.03
C LEU A 214 -9.06 5.25 -16.18
N THR A 215 -8.48 4.05 -16.16
CA THR A 215 -8.78 3.02 -17.17
C THR A 215 -9.62 1.85 -16.61
N GLN A 216 -9.44 1.54 -15.34
CA GLN A 216 -10.12 0.39 -14.74
C GLN A 216 -10.73 0.75 -13.37
N LEU A 217 -12.03 0.53 -13.25
CA LEU A 217 -12.77 0.85 -12.03
C LEU A 217 -13.59 -0.35 -11.58
N ASN A 218 -13.22 -0.91 -10.43
CA ASN A 218 -13.87 -2.11 -9.91
C ASN A 218 -14.67 -1.77 -8.66
N LEU A 219 -16.00 -1.85 -8.80
CA LEU A 219 -16.93 -1.54 -7.73
C LEU A 219 -17.75 -2.77 -7.40
N SER A 220 -17.29 -3.93 -7.86
CA SER A 220 -18.06 -5.18 -7.72
C SER A 220 -18.21 -5.65 -6.27
N ASN A 221 -19.24 -6.46 -6.04
CA ASN A 221 -19.55 -7.00 -4.71
C ASN A 221 -19.63 -5.98 -3.57
N ASN A 222 -20.44 -4.94 -3.74
CA ASN A 222 -20.71 -4.00 -2.65
C ASN A 222 -22.20 -4.07 -2.29
N GLN A 223 -22.80 -2.95 -1.87
CA GLN A 223 -24.19 -2.97 -1.46
C GLN A 223 -24.98 -1.91 -2.20
N ILE A 224 -24.56 -1.66 -3.44
CA ILE A 224 -25.13 -0.57 -4.21
C ILE A 224 -26.41 -1.03 -4.87
N THR A 225 -27.46 -0.22 -4.79
CA THR A 225 -28.74 -0.55 -5.45
C THR A 225 -29.13 0.46 -6.54
N SER A 226 -28.40 1.56 -6.63
CA SER A 226 -28.63 2.54 -7.69
C SER A 226 -27.40 3.41 -7.90
N LEU A 227 -27.35 4.06 -9.05
CA LEU A 227 -26.22 4.93 -9.37
C LEU A 227 -26.71 6.26 -9.93
N PRO A 228 -26.21 7.37 -9.36
CA PRO A 228 -26.61 8.71 -9.80
C PRO A 228 -26.21 8.99 -11.24
N GLN A 229 -27.04 9.78 -11.92
CA GLN A 229 -26.83 10.10 -13.32
C GLN A 229 -25.51 10.81 -13.56
N GLY A 230 -24.81 10.40 -14.61
CA GLY A 230 -23.57 11.06 -15.02
C GLY A 230 -22.37 10.69 -14.18
N LEU A 231 -22.52 9.68 -13.32
CA LEU A 231 -21.46 9.35 -12.37
C LEU A 231 -20.15 9.06 -13.08
N PHE A 232 -20.25 8.45 -14.26
CA PHE A 232 -19.05 8.01 -14.98
C PHE A 232 -18.69 8.86 -16.20
N GLU A 233 -19.40 9.99 -16.38
CA GLU A 233 -19.23 10.80 -17.59
C GLU A 233 -17.83 11.35 -17.81
N SER A 234 -17.18 11.75 -16.72
CA SER A 234 -15.86 12.35 -16.84
C SER A 234 -14.77 11.33 -17.17
N LEU A 235 -15.07 10.04 -17.06
CA LEU A 235 -14.06 8.99 -17.22
C LEU A 235 -13.83 8.64 -18.72
N THR A 236 -13.21 9.56 -19.45
CA THR A 236 -13.08 9.40 -20.91
C THR A 236 -12.07 8.34 -21.35
N ASN A 237 -11.25 7.86 -20.42
CA ASN A 237 -10.27 6.83 -20.79
C ASN A 237 -10.58 5.47 -20.15
N LEU A 238 -11.81 5.32 -19.67
CA LEU A 238 -12.22 4.07 -19.03
C LEU A 238 -12.14 2.91 -20.03
N LYS A 239 -11.57 1.79 -19.59
CA LYS A 239 -11.50 0.57 -20.40
C LYS A 239 -12.27 -0.62 -19.76
N GLN A 240 -12.55 -0.52 -18.47
CA GLN A 240 -13.17 -1.61 -17.69
C GLN A 240 -13.99 -1.02 -16.55
N LEU A 241 -15.26 -1.42 -16.44
CA LEU A 241 -16.11 -0.98 -15.34
C LEU A 241 -16.83 -2.20 -14.84
N ASN A 242 -16.47 -2.64 -13.64
CA ASN A 242 -17.04 -3.85 -13.06
C ASN A 242 -18.05 -3.48 -11.98
N LEU A 243 -19.34 -3.74 -12.24
CA LEU A 243 -20.39 -3.43 -11.26
C LEU A 243 -21.08 -4.72 -10.77
N SER A 244 -20.55 -5.87 -11.16
CA SER A 244 -21.22 -7.14 -10.89
C SER A 244 -21.28 -7.38 -9.38
N GLY A 245 -22.24 -8.19 -8.93
CA GLY A 245 -22.32 -8.49 -7.52
C GLY A 245 -22.96 -7.40 -6.69
N ASN A 246 -23.58 -6.43 -7.35
CA ASN A 246 -24.40 -5.44 -6.66
C ASN A 246 -25.84 -5.74 -7.10
N GLN A 247 -26.78 -4.85 -6.84
CA GLN A 247 -28.10 -5.05 -7.43
C GLN A 247 -28.60 -3.77 -8.05
N ILE A 248 -28.34 -3.60 -9.34
CA ILE A 248 -28.73 -2.37 -10.01
C ILE A 248 -29.57 -2.65 -11.24
N GLN A 249 -29.86 -1.60 -12.02
CA GLN A 249 -30.58 -1.73 -13.29
C GLN A 249 -29.95 -2.79 -14.19
N SER A 250 -30.77 -3.50 -14.95
CA SER A 250 -30.27 -4.47 -15.94
C SER A 250 -29.33 -3.81 -16.97
N LEU A 251 -28.24 -4.49 -17.30
CA LEU A 251 -27.29 -3.99 -18.30
C LEU A 251 -26.84 -5.06 -19.30
N PRO A 252 -26.56 -4.63 -20.55
CA PRO A 252 -25.99 -5.57 -21.53
C PRO A 252 -24.57 -5.96 -21.13
N GLN A 253 -24.11 -7.13 -21.53
CA GLN A 253 -22.73 -7.52 -21.27
C GLN A 253 -21.82 -6.66 -22.15
N GLY A 254 -20.73 -6.15 -21.58
CA GLY A 254 -19.80 -5.31 -22.33
C GLY A 254 -19.72 -3.86 -21.85
N LEU A 255 -18.51 -3.31 -21.89
CA LEU A 255 -18.24 -1.93 -21.47
C LEU A 255 -18.98 -0.86 -22.28
N HIS A 256 -18.86 -0.93 -23.61
CA HIS A 256 -19.44 0.10 -24.46
C HIS A 256 -20.97 0.12 -24.40
N GLU A 257 -21.58 -1.05 -24.32
CA GLU A 257 -23.03 -1.14 -24.27
C GLU A 257 -23.59 -0.87 -22.87
N SER A 258 -22.85 -1.24 -21.83
CA SER A 258 -23.27 -0.86 -20.47
C SER A 258 -23.18 0.66 -20.30
N LEU A 259 -22.04 1.26 -20.68
CA LEU A 259 -21.87 2.71 -20.61
C LEU A 259 -22.98 3.51 -21.31
N THR A 260 -23.26 3.17 -22.56
CA THR A 260 -24.30 3.88 -23.31
C THR A 260 -25.70 3.64 -22.71
N GLN A 261 -25.82 2.56 -21.93
CA GLN A 261 -27.11 2.23 -21.33
C GLN A 261 -27.37 3.10 -20.10
N LEU A 262 -26.29 3.43 -19.37
CA LEU A 262 -26.42 4.23 -18.16
C LEU A 262 -26.26 5.72 -18.43
N THR A 263 -25.62 6.05 -19.55
CA THR A 263 -25.51 7.44 -19.98
C THR A 263 -26.88 8.01 -20.34
#